data_8YTC
#
_entry.id   8YTC
#
_cell.length_a   1.00
_cell.length_b   1.00
_cell.length_c   1.00
_cell.angle_alpha   90.00
_cell.angle_beta   90.00
_cell.angle_gamma   90.00
#
_symmetry.space_group_name_H-M   'P 1'
#
_entity_poly.entity_id   1
_entity_poly.type   'polypeptide(L)'
_entity_poly.pdbx_seq_one_letter_code
;PASEEEFQFLRCQQCQAEAKCPKLLPCLHTLCSGCLEASGMQCPICQAPWPLGADTPALDNVFFESLQRRLSVYRQIVDA
QAVCTRCKESADFWCFECEQLLCAKCFEAHQWFLKHEARPLAELRNQSVREFLDGTRKTNNIFCSNPNHRTPTLTSIYCR
GCSKPLCCSCALLDSSHSELKCDISAEIQQRQEELDAMTQALQEQDSAFGA
;
_entity_poly.pdbx_strand_id   A,B
#
# COMPACT_ATOMS: atom_id res chain seq x y z
N PRO A 1 14.62 23.46 -5.20
CA PRO A 1 13.28 22.86 -5.13
C PRO A 1 13.32 21.39 -4.73
N ALA A 2 13.15 21.13 -3.44
CA ALA A 2 13.25 19.77 -2.93
C ALA A 2 12.20 18.86 -3.56
N SER A 3 10.93 19.15 -3.32
CA SER A 3 9.86 18.29 -3.83
C SER A 3 9.74 18.32 -5.35
N GLU A 4 10.34 19.33 -6.00
CA GLU A 4 10.33 19.35 -7.46
C GLU A 4 11.03 18.14 -8.04
N GLU A 5 11.98 17.56 -7.30
CA GLU A 5 12.71 16.40 -7.81
C GLU A 5 11.82 15.18 -7.89
N GLU A 6 10.70 15.17 -7.16
CA GLU A 6 9.86 13.97 -7.11
C GLU A 6 9.35 13.60 -8.50
N PHE A 7 9.05 14.59 -9.35
CA PHE A 7 8.63 14.31 -10.71
C PHE A 7 9.78 14.36 -11.70
N GLN A 8 10.83 15.13 -11.40
CA GLN A 8 12.04 15.08 -12.21
C GLN A 8 12.65 13.68 -12.18
N PHE A 9 12.30 12.88 -11.17
CA PHE A 9 12.68 11.47 -11.12
C PHE A 9 12.38 10.79 -12.45
N LEU A 10 11.33 11.25 -13.15
CA LEU A 10 10.97 10.70 -14.44
C LEU A 10 10.73 11.77 -15.50
N ARG A 11 10.97 13.05 -15.19
CA ARG A 11 10.68 14.14 -16.12
C ARG A 11 9.20 14.12 -16.53
N CYS A 12 8.33 13.83 -15.58
CA CYS A 12 6.91 13.75 -15.87
C CYS A 12 6.39 15.08 -16.37
N GLN A 13 5.32 15.03 -17.17
CA GLN A 13 4.75 16.22 -17.81
C GLN A 13 3.50 16.63 -17.04
N GLN A 14 3.70 17.47 -16.03
CA GLN A 14 2.59 18.05 -15.27
C GLN A 14 1.74 16.97 -14.62
N CYS A 15 2.33 15.84 -14.28
CA CYS A 15 1.64 14.76 -13.60
C CYS A 15 2.61 14.08 -12.64
N GLN A 16 2.10 13.10 -11.90
CA GLN A 16 2.90 12.40 -10.89
C GLN A 16 2.57 10.92 -10.92
N ALA A 17 3.61 10.08 -10.97
CA ALA A 17 3.44 8.63 -10.94
C ALA A 17 4.78 8.01 -10.61
N GLU A 18 4.82 7.17 -9.57
CA GLU A 18 6.08 6.61 -9.11
C GLU A 18 6.54 5.43 -9.95
N ALA A 19 5.61 4.65 -10.50
CA ALA A 19 5.94 3.44 -11.25
C ALA A 19 6.17 3.81 -12.70
N LYS A 20 7.40 3.62 -13.19
CA LYS A 20 7.70 3.87 -14.59
C LYS A 20 7.12 2.79 -15.50
N CYS A 21 6.67 1.68 -14.95
CA CYS A 21 6.08 0.60 -15.73
C CYS A 21 5.13 -0.21 -14.86
N PRO A 22 3.83 -0.20 -15.13
CA PRO A 22 2.90 -1.01 -14.32
C PRO A 22 3.05 -2.48 -14.63
N LYS A 23 3.21 -3.29 -13.58
CA LYS A 23 3.37 -4.73 -13.77
C LYS A 23 2.13 -5.38 -14.34
N LEU A 24 1.00 -4.67 -14.36
CA LEU A 24 -0.23 -5.18 -14.94
C LEU A 24 -1.17 -3.99 -15.12
N LEU A 25 -2.09 -4.13 -16.07
CA LEU A 25 -3.01 -3.05 -16.41
C LEU A 25 -4.32 -3.65 -16.88
N PRO A 26 -5.40 -2.85 -16.90
CA PRO A 26 -6.63 -3.30 -17.56
C PRO A 26 -6.54 -3.28 -19.08
N CYS A 27 -5.48 -2.68 -19.64
CA CYS A 27 -5.32 -2.55 -21.07
C CYS A 27 -4.68 -3.81 -21.64
N LEU A 28 -4.23 -3.73 -22.89
CA LEU A 28 -3.77 -4.92 -23.60
C LEU A 28 -2.50 -5.49 -22.97
N HIS A 29 -1.42 -4.70 -22.95
CA HIS A 29 -0.11 -5.21 -22.58
C HIS A 29 0.57 -4.26 -21.62
N THR A 30 1.41 -4.83 -20.75
CA THR A 30 2.23 -4.02 -19.85
C THR A 30 3.37 -3.39 -20.64
N LEU A 31 3.47 -2.07 -20.55
CA LEU A 31 4.51 -1.32 -21.25
C LEU A 31 4.95 -0.17 -20.35
N CYS A 32 5.83 0.68 -20.87
CA CYS A 32 6.20 1.88 -20.15
C CYS A 32 4.94 2.71 -19.88
N SER A 33 4.88 3.30 -18.68
CA SER A 33 3.71 4.06 -18.29
C SER A 33 3.37 5.14 -19.31
N GLY A 34 4.38 5.66 -20.02
CA GLY A 34 4.14 6.67 -21.03
C GLY A 34 3.59 6.13 -22.33
N CYS A 35 3.69 4.82 -22.57
CA CYS A 35 3.18 4.25 -23.81
C CYS A 35 1.68 4.48 -23.93
N LEU A 36 0.93 4.15 -22.87
CA LEU A 36 -0.50 4.39 -22.88
C LEU A 36 -0.84 5.87 -22.82
N GLU A 37 0.10 6.72 -22.43
CA GLU A 37 -0.11 8.16 -22.43
C GLU A 37 0.22 8.78 -23.77
N ALA A 38 1.26 8.27 -24.46
CA ALA A 38 1.60 8.78 -25.77
C ALA A 38 0.43 8.61 -26.74
N SER A 39 -0.29 7.50 -26.64
CA SER A 39 -1.50 7.26 -27.42
C SER A 39 -2.61 6.80 -26.48
N GLY A 40 -3.80 7.34 -26.68
CA GLY A 40 -4.92 7.08 -25.80
C GLY A 40 -5.11 5.61 -25.43
N MET A 41 -5.59 5.36 -24.22
CA MET A 41 -5.78 3.99 -23.77
C MET A 41 -6.76 3.25 -24.67
N GLN A 42 -7.94 3.84 -24.90
CA GLN A 42 -8.99 3.19 -25.67
C GLN A 42 -9.58 4.10 -26.74
N CYS A 43 -8.94 5.22 -27.05
CA CYS A 43 -9.48 6.16 -28.02
C CYS A 43 -9.07 5.75 -29.42
N PRO A 44 -10.01 5.43 -30.31
CA PRO A 44 -9.66 5.15 -31.72
C PRO A 44 -9.61 6.38 -32.61
N ILE A 45 -9.90 7.57 -32.07
CA ILE A 45 -9.92 8.77 -32.88
C ILE A 45 -8.50 9.21 -33.19
N CYS A 46 -8.36 9.99 -34.27
CA CYS A 46 -7.06 10.53 -34.65
C CYS A 46 -6.46 11.42 -33.57
N GLN A 47 -7.25 11.82 -32.58
CA GLN A 47 -6.75 12.61 -31.45
C GLN A 47 -6.04 11.76 -30.41
N ALA A 48 -6.09 10.43 -30.53
CA ALA A 48 -5.47 9.56 -29.54
C ALA A 48 -4.01 9.90 -29.26
N PRO A 49 -3.19 10.30 -30.23
CA PRO A 49 -1.81 10.69 -29.92
C PRO A 49 -1.72 12.12 -29.40
N TRP A 50 -2.86 12.67 -28.97
CA TRP A 50 -2.99 14.04 -28.49
C TRP A 50 -2.18 15.03 -29.36
N PRO A 51 -2.46 15.10 -30.66
CA PRO A 51 -1.87 16.18 -31.47
C PRO A 51 -2.45 17.54 -31.12
N LEU A 52 -3.72 17.59 -30.70
CA LEU A 52 -4.34 18.85 -30.30
C LEU A 52 -4.05 19.20 -28.85
N GLY A 53 -3.62 18.26 -28.04
CA GLY A 53 -3.31 18.49 -26.64
C GLY A 53 -3.63 17.26 -25.81
N ALA A 54 -2.88 17.11 -24.72
CA ALA A 54 -3.07 15.99 -23.82
C ALA A 54 -3.98 16.37 -22.67
N ASP A 55 -4.73 15.38 -22.16
CA ASP A 55 -5.68 15.65 -21.09
C ASP A 55 -5.03 15.64 -19.72
N THR A 56 -4.07 14.74 -19.49
CA THR A 56 -3.48 14.62 -18.16
C THR A 56 -2.75 15.88 -17.72
N PRO A 57 -2.06 16.63 -18.59
CA PRO A 57 -1.46 17.89 -18.14
C PRO A 57 -2.49 19.00 -18.01
N ALA A 58 -3.54 18.91 -18.84
CA ALA A 58 -4.61 19.90 -18.81
C ALA A 58 -5.86 19.27 -19.43
N LEU A 59 -6.99 19.41 -18.75
CA LEU A 59 -8.24 18.79 -19.18
C LEU A 59 -8.51 19.07 -20.64
N ASP A 60 -8.69 18.00 -21.42
CA ASP A 60 -9.00 18.12 -22.84
C ASP A 60 -10.22 17.32 -23.27
N ASN A 61 -10.44 16.14 -22.69
CA ASN A 61 -11.54 15.28 -23.12
C ASN A 61 -11.93 14.36 -21.97
N VAL A 62 -13.19 13.90 -22.01
CA VAL A 62 -13.68 13.01 -20.96
C VAL A 62 -13.12 11.61 -21.16
N PHE A 63 -12.99 11.17 -22.41
CA PHE A 63 -12.45 9.84 -22.67
C PHE A 63 -10.95 9.79 -22.36
N PHE A 64 -10.24 10.89 -22.59
CA PHE A 64 -8.83 10.95 -22.23
C PHE A 64 -8.61 11.05 -20.73
N GLU A 65 -9.66 11.38 -19.96
CA GLU A 65 -9.57 11.25 -18.51
C GLU A 65 -9.51 9.79 -18.07
N SER A 66 -9.62 8.85 -18.99
CA SER A 66 -9.31 7.46 -18.68
C SER A 66 -7.87 7.33 -18.21
N LEU A 67 -6.96 8.11 -18.78
CA LEU A 67 -5.59 8.14 -18.29
C LEU A 67 -5.54 8.67 -16.86
N GLN A 68 -6.28 9.75 -16.60
CA GLN A 68 -6.36 10.30 -15.24
C GLN A 68 -6.81 9.21 -14.26
N ARG A 69 -7.85 8.46 -14.63
CA ARG A 69 -8.37 7.44 -13.73
C ARG A 69 -7.39 6.28 -13.59
N ARG A 70 -6.68 5.94 -14.66
CA ARG A 70 -5.65 4.91 -14.58
C ARG A 70 -4.59 5.27 -13.56
N LEU A 71 -4.06 6.49 -13.66
CA LEU A 71 -3.07 6.95 -12.69
C LEU A 71 -3.69 7.06 -11.29
N SER A 72 -4.96 7.45 -11.22
CA SER A 72 -5.61 7.60 -9.92
C SER A 72 -5.81 6.27 -9.23
N VAL A 73 -5.91 5.18 -9.99
CA VAL A 73 -6.02 3.86 -9.37
C VAL A 73 -4.77 3.54 -8.58
N TYR A 74 -3.60 3.73 -9.21
CA TYR A 74 -2.34 3.51 -8.51
C TYR A 74 -2.19 4.48 -7.34
N ARG A 75 -2.58 5.74 -7.55
CA ARG A 75 -2.47 6.71 -6.46
C ARG A 75 -3.46 6.41 -5.35
N GLN A 76 -4.51 5.65 -5.65
CA GLN A 76 -5.47 5.26 -4.62
C GLN A 76 -4.93 4.11 -3.80
N ILE A 77 -4.40 3.07 -4.46
CA ILE A 77 -3.82 1.96 -3.72
C ILE A 77 -2.65 2.45 -2.87
N VAL A 78 -1.83 3.34 -3.43
CA VAL A 78 -0.79 4.04 -2.68
C VAL A 78 -0.57 5.39 -3.34
N ASP A 79 -0.67 6.45 -2.54
CA ASP A 79 -0.83 7.81 -3.06
C ASP A 79 0.52 8.53 -3.05
N ALA A 80 1.04 8.78 -4.26
CA ALA A 80 2.18 9.67 -4.45
C ALA A 80 1.65 11.05 -4.84
N GLN A 81 1.02 11.69 -3.86
CA GLN A 81 0.30 12.94 -4.10
C GLN A 81 1.19 13.97 -4.77
N ALA A 82 0.66 14.59 -5.83
CA ALA A 82 1.39 15.67 -6.49
C ALA A 82 1.39 16.94 -5.65
N VAL A 83 0.50 17.04 -4.67
CA VAL A 83 0.42 18.23 -3.83
C VAL A 83 1.65 18.32 -2.94
N CYS A 84 2.06 17.20 -2.35
CA CYS A 84 3.32 17.19 -1.61
C CYS A 84 4.51 17.36 -2.55
N THR A 85 4.49 16.64 -3.67
CA THR A 85 5.47 16.90 -4.72
C THR A 85 5.41 18.35 -5.17
N ARG A 86 4.21 18.92 -5.24
CA ARG A 86 4.03 20.25 -5.81
C ARG A 86 2.80 20.87 -5.15
N CYS A 87 3.03 21.71 -4.12
CA CYS A 87 1.91 22.39 -3.48
C CYS A 87 1.20 23.33 -4.43
N LYS A 88 1.85 23.74 -5.51
CA LYS A 88 1.17 24.55 -6.53
C LYS A 88 0.06 23.77 -7.22
N GLU A 89 0.06 22.44 -7.09
CA GLU A 89 -1.03 21.64 -7.66
C GLU A 89 -2.39 22.06 -7.12
N SER A 90 -2.43 22.76 -5.99
CA SER A 90 -3.68 23.28 -5.46
C SER A 90 -4.32 24.32 -6.37
N ALA A 91 -3.64 24.72 -7.45
CA ALA A 91 -4.23 25.64 -8.41
C ALA A 91 -5.58 25.14 -8.92
N ASP A 92 -5.80 23.82 -8.90
CA ASP A 92 -7.11 23.30 -9.23
C ASP A 92 -8.19 23.80 -8.27
N PHE A 93 -7.79 24.35 -7.12
CA PHE A 93 -8.65 24.94 -6.10
C PHE A 93 -9.32 23.88 -5.24
N TRP A 94 -9.03 22.59 -5.46
CA TRP A 94 -9.42 21.52 -4.54
C TRP A 94 -10.94 21.47 -4.36
N CYS A 95 -11.63 21.18 -5.45
CA CYS A 95 -13.09 21.03 -5.39
C CYS A 95 -13.48 19.91 -4.44
N PHE A 96 -12.68 18.85 -4.39
CA PHE A 96 -12.96 17.71 -3.51
C PHE A 96 -11.64 17.08 -3.10
N GLU A 97 -11.71 16.23 -2.07
CA GLU A 97 -10.52 15.74 -1.39
C GLU A 97 -9.76 14.67 -2.18
N CYS A 98 -10.33 14.10 -3.23
CA CYS A 98 -9.66 13.07 -4.00
C CYS A 98 -8.87 13.71 -5.13
N GLU A 99 -7.70 13.14 -5.43
CA GLU A 99 -6.82 13.72 -6.42
C GLU A 99 -6.89 12.95 -7.73
N GLN A 100 -6.16 13.47 -8.71
CA GLN A 100 -5.99 12.85 -10.02
C GLN A 100 -7.33 12.64 -10.73
N LEU A 101 -8.16 13.68 -10.72
CA LEU A 101 -9.39 13.71 -11.50
C LEU A 101 -9.70 15.17 -11.82
N LEU A 102 -10.66 15.38 -12.71
CA LEU A 102 -11.04 16.73 -13.08
C LEU A 102 -12.51 16.74 -13.49
N CYS A 103 -12.99 17.93 -13.83
CA CYS A 103 -14.36 18.23 -14.27
C CYS A 103 -15.42 17.88 -13.22
N ALA A 104 -15.01 17.46 -12.03
CA ALA A 104 -15.89 17.32 -10.88
C ALA A 104 -16.85 16.14 -11.00
N LYS A 105 -16.91 15.50 -12.17
CA LYS A 105 -17.85 14.41 -12.36
C LYS A 105 -17.24 13.06 -11.99
N CYS A 106 -15.94 12.88 -12.24
CA CYS A 106 -15.26 11.72 -11.68
C CYS A 106 -15.28 11.79 -10.15
N PHE A 107 -15.15 13.00 -9.60
CA PHE A 107 -15.28 13.20 -8.17
C PHE A 107 -16.68 12.82 -7.71
N GLU A 108 -17.69 13.33 -8.42
CA GLU A 108 -19.07 13.03 -8.06
C GLU A 108 -19.34 11.52 -8.16
N ALA A 109 -18.63 10.82 -9.04
CA ALA A 109 -18.81 9.37 -9.14
C ALA A 109 -18.16 8.66 -7.96
N HIS A 110 -16.93 9.05 -7.62
CA HIS A 110 -16.30 8.54 -6.41
C HIS A 110 -17.22 8.75 -5.21
N GLN A 111 -17.96 9.85 -5.19
CA GLN A 111 -18.92 10.08 -4.12
C GLN A 111 -20.13 9.16 -4.25
N TRP A 112 -20.72 9.09 -5.44
CA TRP A 112 -21.84 8.18 -5.69
C TRP A 112 -21.57 6.81 -5.11
N PHE A 113 -20.38 6.27 -5.35
CA PHE A 113 -20.00 4.97 -4.82
C PHE A 113 -19.55 5.05 -3.37
N LEU A 114 -19.75 6.18 -2.69
CA LEU A 114 -19.27 6.39 -1.33
C LEU A 114 -17.84 5.87 -1.20
N LYS A 115 -17.02 6.18 -2.19
CA LYS A 115 -15.67 5.64 -2.34
C LYS A 115 -14.70 6.77 -2.63
N HIS A 116 -14.77 7.82 -1.81
CA HIS A 116 -14.00 9.03 -2.04
C HIS A 116 -12.51 8.71 -2.23
N GLU A 117 -11.94 7.93 -1.32
CA GLU A 117 -10.49 7.84 -1.19
C GLU A 117 -9.92 9.23 -0.95
N ALA A 118 -10.60 9.99 -0.11
CA ALA A 118 -10.24 11.38 0.13
C ALA A 118 -8.86 11.48 0.77
N ARG A 119 -8.01 12.32 0.19
CA ARG A 119 -6.73 12.68 0.78
C ARG A 119 -6.92 14.01 1.51
N PRO A 120 -7.16 14.01 2.81
CA PRO A 120 -7.44 15.28 3.50
C PRO A 120 -6.24 16.22 3.44
N LEU A 121 -6.52 17.50 3.69
CA LEU A 121 -5.48 18.52 3.68
C LEU A 121 -4.33 18.11 4.59
N ALA A 122 -4.64 17.54 5.75
CA ALA A 122 -3.59 17.01 6.62
C ALA A 122 -2.74 15.98 5.89
N GLU A 123 -3.38 15.17 5.03
CA GLU A 123 -2.63 14.21 4.22
C GLU A 123 -1.91 14.89 3.05
N LEU A 124 -2.51 15.94 2.49
CA LEU A 124 -1.86 16.66 1.41
C LEU A 124 -0.55 17.27 1.88
N ARG A 125 -0.51 17.76 3.13
CA ARG A 125 0.70 18.37 3.66
C ARG A 125 1.75 17.34 4.06
N ASN A 126 1.44 16.05 3.98
CA ASN A 126 2.41 14.98 4.22
C ASN A 126 2.94 14.97 5.65
N GLN A 127 2.06 15.12 6.65
CA GLN A 127 2.49 15.17 8.04
C GLN A 127 2.07 13.94 8.83
N SER A 128 1.31 13.01 8.25
CA SER A 128 0.80 11.88 8.99
C SER A 128 0.67 10.66 8.09
N VAL A 129 0.61 9.50 8.73
CA VAL A 129 0.36 8.24 8.03
C VAL A 129 -0.83 7.48 8.61
N ARG A 130 -1.40 7.93 9.73
CA ARG A 130 -2.57 7.27 10.29
C ARG A 130 -3.76 7.36 9.36
N GLU A 131 -4.04 8.57 8.86
CA GLU A 131 -5.12 8.72 7.88
C GLU A 131 -4.82 7.94 6.61
N PHE A 132 -3.54 7.85 6.24
CA PHE A 132 -3.18 7.02 5.10
C PHE A 132 -3.56 5.57 5.34
N LEU A 133 -3.24 5.04 6.52
CA LEU A 133 -3.57 3.67 6.84
C LEU A 133 -5.07 3.46 6.85
N ASP A 134 -5.81 4.43 7.36
CA ASP A 134 -7.27 4.37 7.33
C ASP A 134 -7.77 4.24 5.89
N GLY A 135 -7.33 5.15 5.02
CA GLY A 135 -7.75 5.08 3.63
C GLY A 135 -7.31 3.80 2.96
N THR A 136 -6.14 3.28 3.34
CA THR A 136 -5.64 2.05 2.76
C THR A 136 -6.54 0.88 3.12
N ARG A 137 -6.80 0.68 4.41
CA ARG A 137 -7.72 -0.38 4.81
C ARG A 137 -9.11 -0.15 4.21
N LYS A 138 -9.46 1.10 3.91
CA LYS A 138 -10.71 1.37 3.22
C LYS A 138 -10.63 1.13 1.72
N THR A 139 -9.41 0.91 1.18
CA THR A 139 -9.28 0.57 -0.23
C THR A 139 -10.18 -0.60 -0.61
N ASN A 140 -10.49 -1.48 0.33
CA ASN A 140 -11.43 -2.57 0.12
C ASN A 140 -12.74 -2.20 0.81
N ASN A 141 -13.65 -1.59 0.04
CA ASN A 141 -14.92 -1.13 0.58
C ASN A 141 -15.90 -2.28 0.73
N ILE A 142 -17.01 -1.99 1.42
CA ILE A 142 -18.10 -2.93 1.61
C ILE A 142 -19.41 -2.42 1.02
N PHE A 143 -19.34 -1.35 0.22
CA PHE A 143 -20.51 -0.75 -0.40
C PHE A 143 -20.31 -0.66 -1.90
N CYS A 144 -21.40 -0.51 -2.63
CA CYS A 144 -21.36 -0.38 -4.09
C CYS A 144 -22.67 0.22 -4.57
N SER A 145 -22.57 1.11 -5.56
CA SER A 145 -23.74 1.76 -6.12
C SER A 145 -24.52 2.51 -5.04
N SER A 156 -13.36 -2.65 -5.61
CA SER A 156 -13.48 -1.76 -4.47
C SER A 156 -13.20 -0.30 -4.87
N ILE A 157 -12.26 -0.11 -5.79
CA ILE A 157 -11.90 1.21 -6.28
C ILE A 157 -12.35 1.32 -7.73
N TYR A 158 -12.77 2.53 -8.12
CA TYR A 158 -13.51 2.72 -9.35
C TYR A 158 -12.66 2.37 -10.57
N CYS A 159 -13.34 1.94 -11.63
CA CYS A 159 -12.75 1.71 -12.94
C CYS A 159 -13.78 2.08 -13.99
N ARG A 160 -13.39 2.95 -14.93
CA ARG A 160 -14.37 3.54 -15.83
C ARG A 160 -14.92 2.53 -16.83
N GLY A 161 -14.09 1.59 -17.30
CA GLY A 161 -14.53 0.60 -18.26
C GLY A 161 -15.84 -0.04 -17.85
N CYS A 162 -15.83 -0.73 -16.72
CA CYS A 162 -17.07 -1.23 -16.15
C CYS A 162 -17.80 -0.17 -15.33
N SER A 163 -17.08 0.88 -14.93
CA SER A 163 -17.67 2.01 -14.20
C SER A 163 -18.13 1.59 -12.80
N LYS A 164 -17.42 0.66 -12.20
CA LYS A 164 -17.76 0.14 -10.87
C LYS A 164 -16.49 -0.09 -10.07
N PRO A 165 -16.61 -0.14 -8.74
CA PRO A 165 -15.42 -0.40 -7.92
C PRO A 165 -14.83 -1.77 -8.20
N LEU A 166 -13.51 -1.80 -8.41
CA LEU A 166 -12.77 -3.03 -8.63
C LEU A 166 -11.45 -2.94 -7.90
N CYS A 167 -11.20 -3.87 -6.97
CA CYS A 167 -9.96 -3.86 -6.22
C CYS A 167 -8.76 -3.78 -7.14
N CYS A 168 -8.75 -4.57 -8.21
CA CYS A 168 -7.70 -4.52 -9.21
C CYS A 168 -8.32 -4.96 -10.55
N SER A 169 -8.69 -3.98 -11.37
CA SER A 169 -9.20 -4.28 -12.70
C SER A 169 -8.14 -4.91 -13.60
N CYS A 170 -6.90 -5.02 -13.11
CA CYS A 170 -5.88 -5.74 -13.86
C CYS A 170 -6.29 -7.19 -14.08
N ALA A 171 -6.93 -7.78 -13.08
CA ALA A 171 -7.50 -9.12 -13.27
C ALA A 171 -8.61 -9.11 -14.32
N LEU A 172 -9.21 -7.95 -14.60
CA LEU A 172 -10.28 -7.93 -15.59
C LEU A 172 -9.73 -7.75 -16.99
N LEU A 173 -8.67 -6.96 -17.14
CA LEU A 173 -8.16 -6.60 -18.46
C LEU A 173 -9.28 -5.95 -19.28
N ASP A 174 -9.80 -4.87 -18.72
CA ASP A 174 -10.99 -4.24 -19.29
C ASP A 174 -10.74 -3.81 -20.73
N SER A 175 -9.79 -2.91 -20.94
CA SER A 175 -9.47 -2.40 -22.27
C SER A 175 -10.74 -1.84 -22.94
N SER A 176 -11.49 -1.06 -22.17
CA SER A 176 -12.75 -0.49 -22.65
C SER A 176 -12.51 0.35 -23.90
N PRO B 1 -3.76 9.56 26.19
CA PRO B 1 -2.86 8.84 25.28
C PRO B 1 -3.42 8.72 23.87
N ALA B 2 -3.02 9.65 23.00
CA ALA B 2 -3.57 9.68 21.65
C ALA B 2 -3.25 8.40 20.88
N SER B 3 -1.95 8.14 20.66
CA SER B 3 -1.55 6.97 19.89
C SER B 3 -1.86 5.66 20.59
N GLU B 4 -2.11 5.69 21.91
CA GLU B 4 -2.49 4.47 22.59
C GLU B 4 -3.79 3.89 22.04
N GLU B 5 -4.65 4.75 21.47
CA GLU B 5 -5.91 4.26 20.94
C GLU B 5 -5.70 3.41 19.70
N GLU B 6 -4.55 3.53 19.04
CA GLU B 6 -4.34 2.82 17.79
C GLU B 6 -4.45 1.31 17.98
N PHE B 7 -4.00 0.79 19.12
CA PHE B 7 -4.14 -0.64 19.40
C PHE B 7 -5.37 -0.95 20.23
N GLN B 8 -5.85 0.01 21.03
CA GLN B 8 -7.13 -0.15 21.68
C GLN B 8 -8.26 -0.32 20.67
N PHE B 9 -8.03 0.12 19.44
CA PHE B 9 -8.95 -0.13 18.33
C PHE B 9 -9.36 -1.60 18.29
N LEU B 10 -8.45 -2.49 18.71
CA LEU B 10 -8.74 -3.91 18.76
C LEU B 10 -8.36 -4.56 20.08
N ARG B 11 -7.93 -3.79 21.08
CA ARG B 11 -7.46 -4.34 22.34
C ARG B 11 -6.31 -5.33 22.11
N CYS B 12 -5.43 -5.00 21.18
CA CYS B 12 -4.33 -5.90 20.86
C CYS B 12 -3.44 -6.11 22.07
N GLN B 13 -2.76 -7.26 22.10
CA GLN B 13 -1.94 -7.67 23.24
C GLN B 13 -0.48 -7.44 22.89
N GLN B 14 0.00 -6.23 23.18
CA GLN B 14 1.41 -5.88 23.01
C GLN B 14 1.87 -6.06 21.56
N CYS B 15 0.95 -5.88 20.61
CA CYS B 15 1.26 -5.95 19.19
C CYS B 15 0.39 -4.95 18.45
N GLN B 16 0.60 -4.86 17.13
CA GLN B 16 -0.10 -3.89 16.30
C GLN B 16 -0.48 -4.54 14.98
N ALA B 17 -1.74 -4.40 14.58
CA ALA B 17 -2.21 -4.92 13.30
C ALA B 17 -3.54 -4.25 13.00
N GLU B 18 -3.66 -3.63 11.82
CA GLU B 18 -4.86 -2.88 11.49
C GLU B 18 -5.99 -3.77 11.01
N ALA B 19 -5.69 -4.89 10.35
CA ALA B 19 -6.71 -5.76 9.77
C ALA B 19 -7.15 -6.76 10.83
N LYS B 20 -8.41 -6.70 11.23
CA LYS B 20 -8.95 -7.67 12.18
C LYS B 20 -9.17 -9.03 11.54
N CYS B 21 -9.12 -9.12 10.22
CA CYS B 21 -9.29 -10.39 9.51
C CYS B 21 -8.60 -10.33 8.17
N PRO B 22 -7.55 -11.12 7.94
CA PRO B 22 -6.88 -11.10 6.63
C PRO B 22 -7.74 -11.77 5.57
N LYS B 23 -7.93 -11.08 4.45
CA LYS B 23 -8.75 -11.63 3.37
C LYS B 23 -8.13 -12.86 2.75
N LEU B 24 -6.86 -13.15 3.04
CA LEU B 24 -6.18 -14.33 2.54
C LEU B 24 -4.91 -14.51 3.36
N LEU B 25 -4.44 -15.75 3.43
CA LEU B 25 -3.28 -16.09 4.25
C LEU B 25 -2.55 -17.24 3.60
N PRO B 26 -1.29 -17.47 3.98
CA PRO B 26 -0.61 -18.71 3.57
C PRO B 26 -1.10 -19.94 4.32
N CYS B 27 -1.89 -19.76 5.38
CA CYS B 27 -2.37 -20.85 6.20
C CYS B 27 -3.63 -21.46 5.58
N LEU B 28 -4.33 -22.29 6.36
CA LEU B 28 -5.43 -23.06 5.81
C LEU B 28 -6.60 -22.17 5.40
N HIS B 29 -7.17 -21.43 6.34
CA HIS B 29 -8.41 -20.71 6.11
C HIS B 29 -8.32 -19.30 6.65
N THR B 30 -9.04 -18.39 6.00
CA THR B 30 -9.15 -17.02 6.48
C THR B 30 -10.07 -16.98 7.69
N LEU B 31 -9.56 -16.43 8.80
CA LEU B 31 -10.32 -16.33 10.03
C LEU B 31 -9.94 -15.01 10.70
N CYS B 32 -10.47 -14.79 11.90
CA CYS B 32 -10.06 -13.63 12.68
C CYS B 32 -8.55 -13.68 12.91
N SER B 33 -7.91 -12.51 12.82
CA SER B 33 -6.46 -12.45 12.96
C SER B 33 -5.99 -13.11 14.25
N GLY B 34 -6.83 -13.10 15.29
CA GLY B 34 -6.46 -13.72 16.55
C GLY B 34 -6.58 -15.23 16.55
N CYS B 35 -7.31 -15.81 15.59
CA CYS B 35 -7.46 -17.26 15.54
C CYS B 35 -6.10 -17.94 15.37
N LEU B 36 -5.31 -17.49 14.41
CA LEU B 36 -3.98 -18.03 14.21
C LEU B 36 -3.03 -17.65 15.33
N GLU B 37 -3.36 -16.64 16.13
CA GLU B 37 -2.56 -16.27 17.28
C GLU B 37 -2.95 -17.05 18.52
N ALA B 38 -4.24 -17.34 18.69
CA ALA B 38 -4.68 -18.14 19.83
C ALA B 38 -4.02 -19.51 19.81
N SER B 39 -3.85 -20.10 18.63
CA SER B 39 -3.14 -21.35 18.46
C SER B 39 -2.13 -21.20 17.33
N GLY B 40 -0.92 -21.71 17.55
CA GLY B 40 0.17 -21.55 16.61
C GLY B 40 -0.21 -21.79 15.15
N MET B 41 0.43 -21.06 14.24
CA MET B 41 0.12 -21.21 12.83
C MET B 41 0.39 -22.63 12.35
N GLN B 42 1.59 -23.15 12.63
CA GLN B 42 1.99 -24.46 12.15
C GLN B 42 2.60 -25.32 13.25
N CYS B 43 2.45 -24.94 14.51
CA CYS B 43 3.06 -25.69 15.61
C CYS B 43 2.14 -26.82 16.03
N PRO B 44 2.56 -28.08 15.92
CA PRO B 44 1.75 -29.20 16.43
C PRO B 44 2.00 -29.53 17.89
N ILE B 45 2.91 -28.82 18.56
CA ILE B 45 3.23 -29.13 19.95
C ILE B 45 2.12 -28.63 20.86
N CYS B 46 2.04 -29.22 22.05
CA CYS B 46 1.05 -28.80 23.04
C CYS B 46 1.22 -27.34 23.46
N GLN B 47 2.35 -26.73 23.10
CA GLN B 47 2.58 -25.31 23.39
C GLN B 47 1.89 -24.39 22.38
N ALA B 48 1.31 -24.95 21.31
CA ALA B 48 0.68 -24.13 20.28
C ALA B 48 -0.34 -23.15 20.84
N PRO B 49 -1.15 -23.48 21.86
CA PRO B 49 -2.07 -22.49 22.42
C PRO B 49 -1.38 -21.55 23.41
N TRP B 50 -0.06 -21.51 23.36
CA TRP B 50 0.79 -20.72 24.25
C TRP B 50 0.29 -20.78 25.70
N PRO B 51 0.20 -21.97 26.29
CA PRO B 51 -0.05 -22.04 27.73
C PRO B 51 1.13 -21.57 28.56
N LEU B 52 2.35 -21.74 28.06
CA LEU B 52 3.54 -21.28 28.76
C LEU B 52 3.85 -19.81 28.46
N GLY B 53 3.29 -19.26 27.41
CA GLY B 53 3.51 -17.87 27.04
C GLY B 53 3.48 -17.71 25.53
N ALA B 54 3.07 -16.51 25.10
CA ALA B 54 3.00 -16.19 23.69
C ALA B 54 4.27 -15.50 23.22
N ASP B 55 4.62 -15.72 21.94
CA ASP B 55 5.85 -15.15 21.41
C ASP B 55 5.66 -13.71 20.94
N THR B 56 4.51 -13.40 20.35
CA THR B 56 4.32 -12.06 19.79
C THR B 56 4.37 -10.96 20.85
N PRO B 57 3.85 -11.16 22.07
CA PRO B 57 4.01 -10.11 23.09
C PRO B 57 5.42 -10.09 23.67
N ALA B 58 6.05 -11.27 23.69
CA ALA B 58 7.40 -11.40 24.21
C ALA B 58 8.02 -12.66 23.63
N LEU B 59 9.25 -12.53 23.11
CA LEU B 59 9.93 -13.64 22.45
C LEU B 59 9.88 -14.90 23.29
N ASP B 60 9.36 -15.97 22.70
CA ASP B 60 9.28 -17.27 23.39
C ASP B 60 9.86 -18.42 22.57
N ASN B 61 9.69 -18.41 21.25
CA ASN B 61 10.15 -19.52 20.42
C ASN B 61 10.40 -19.02 19.01
N VAL B 62 11.26 -19.75 18.29
CA VAL B 62 11.58 -19.37 16.92
C VAL B 62 10.44 -19.75 15.99
N PHE B 63 9.79 -20.88 16.23
CA PHE B 63 8.68 -21.30 15.39
C PHE B 63 7.46 -20.40 15.62
N PHE B 64 7.27 -19.93 16.85
CA PHE B 64 6.19 -19.00 17.12
C PHE B 64 6.45 -17.60 16.56
N GLU B 65 7.71 -17.30 16.19
CA GLU B 65 7.98 -16.09 15.43
C GLU B 65 7.41 -16.16 14.02
N SER B 66 6.85 -17.30 13.62
CA SER B 66 6.06 -17.34 12.40
C SER B 66 4.90 -16.36 12.46
N LEU B 67 4.30 -16.20 13.64
CA LEU B 67 3.28 -15.18 13.82
C LEU B 67 3.86 -13.79 13.61
N GLN B 68 5.04 -13.53 14.18
CA GLN B 68 5.72 -12.25 13.99
C GLN B 68 5.91 -11.97 12.51
N ARG B 69 6.37 -12.98 11.76
CA ARG B 69 6.61 -12.78 10.34
C ARG B 69 5.31 -12.62 9.57
N ARG B 70 4.25 -13.31 9.97
CA ARG B 70 2.95 -13.13 9.35
C ARG B 70 2.48 -11.69 9.48
N LEU B 71 2.53 -11.16 10.70
CA LEU B 71 2.15 -9.76 10.91
C LEU B 71 3.11 -8.82 10.17
N SER B 72 4.39 -9.18 10.11
CA SER B 72 5.37 -8.33 9.46
C SER B 72 5.15 -8.26 7.96
N VAL B 73 4.55 -9.30 7.37
CA VAL B 73 4.25 -9.25 5.95
C VAL B 73 3.25 -8.15 5.65
N TYR B 74 2.16 -8.10 6.43
CA TYR B 74 1.18 -7.03 6.27
C TYR B 74 1.80 -5.68 6.58
N ARG B 75 2.62 -5.61 7.62
CA ARG B 75 3.24 -4.34 7.97
C ARG B 75 4.28 -3.94 6.93
N GLN B 76 4.76 -4.88 6.14
CA GLN B 76 5.69 -4.57 5.06
C GLN B 76 4.96 -4.01 3.86
N ILE B 77 3.87 -4.67 3.44
CA ILE B 77 3.10 -4.15 2.32
C ILE B 77 2.54 -2.78 2.67
N VAL B 78 2.07 -2.60 3.90
CA VAL B 78 1.69 -1.30 4.42
C VAL B 78 1.91 -1.32 5.93
N ASP B 79 2.67 -0.35 6.42
CA ASP B 79 3.26 -0.41 7.76
C ASP B 79 2.42 0.41 8.73
N ALA B 80 1.75 -0.30 9.65
CA ALA B 80 1.11 0.32 10.81
C ALA B 80 2.05 0.22 12.00
N GLN B 81 3.15 0.97 11.91
CA GLN B 81 4.24 0.86 12.87
C GLN B 81 3.73 1.01 14.30
N ALA B 82 4.16 0.10 15.17
CA ALA B 82 3.83 0.21 16.58
C ALA B 82 4.61 1.32 17.26
N VAL B 83 5.69 1.79 16.63
CA VAL B 83 6.51 2.84 17.22
C VAL B 83 5.73 4.17 17.23
N CYS B 84 5.06 4.48 16.12
CA CYS B 84 4.18 5.64 16.11
C CYS B 84 2.98 5.42 17.03
N THR B 85 2.38 4.24 16.94
CA THR B 85 1.36 3.86 17.92
C THR B 85 1.92 3.94 19.33
N ARG B 86 3.17 3.53 19.51
CA ARG B 86 3.75 3.40 20.85
C ARG B 86 5.26 3.63 20.72
N CYS B 87 5.71 4.86 21.01
CA CYS B 87 7.13 5.14 20.97
C CYS B 87 7.90 4.33 22.01
N LYS B 88 7.22 3.83 23.04
CA LYS B 88 7.87 2.95 24.00
C LYS B 88 8.29 1.63 23.36
N GLU B 89 7.75 1.31 22.19
CA GLU B 89 8.17 0.10 21.48
C GLU B 89 9.67 0.09 21.20
N SER B 90 10.33 1.26 21.25
CA SER B 90 11.77 1.32 21.09
C SER B 90 12.52 0.62 22.22
N ALA B 91 11.81 0.14 23.25
CA ALA B 91 12.45 -0.63 24.30
C ALA B 91 13.25 -1.81 23.74
N ASP B 92 12.87 -2.31 22.57
CA ASP B 92 13.68 -3.33 21.91
C ASP B 92 15.09 -2.83 21.60
N PHE B 93 15.29 -1.52 21.63
CA PHE B 93 16.57 -0.84 21.42
C PHE B 93 16.93 -0.76 19.93
N TRP B 94 16.05 -1.23 19.04
CA TRP B 94 16.18 -0.97 17.60
C TRP B 94 17.51 -1.49 17.06
N CYS B 95 17.67 -2.81 17.13
CA CYS B 95 18.87 -3.44 16.57
C CYS B 95 18.99 -3.17 15.08
N PHE B 96 17.85 -3.11 14.38
CA PHE B 96 17.85 -2.87 12.94
C PHE B 96 16.55 -2.16 12.59
N GLU B 97 16.52 -1.60 11.37
CA GLU B 97 15.48 -0.67 10.97
C GLU B 97 14.14 -1.34 10.65
N CYS B 98 14.10 -2.66 10.51
CA CYS B 98 12.86 -3.35 10.18
C CYS B 98 12.14 -3.74 11.46
N GLU B 99 10.82 -3.67 11.45
CA GLU B 99 10.03 -3.93 12.64
C GLU B 99 9.40 -5.31 12.58
N GLN B 100 8.73 -5.65 13.67
CA GLN B 100 7.95 -6.89 13.81
C GLN B 100 8.82 -8.13 13.60
N LEU B 101 9.98 -8.14 14.24
CA LEU B 101 10.83 -9.32 14.28
C LEU B 101 11.64 -9.26 15.58
N LEU B 102 12.31 -10.36 15.90
CA LEU B 102 13.13 -10.40 17.11
C LEU B 102 14.27 -11.38 16.89
N CYS B 103 15.11 -11.48 17.92
CA CYS B 103 16.29 -12.36 18.01
C CYS B 103 17.33 -12.05 16.93
N ALA B 104 17.13 -11.00 16.14
CA ALA B 104 18.15 -10.47 15.24
C ALA B 104 18.42 -11.37 14.04
N LYS B 105 17.87 -12.58 14.03
CA LYS B 105 18.14 -13.50 12.93
C LYS B 105 17.14 -13.36 11.80
N CYS B 106 15.88 -13.07 12.13
CA CYS B 106 14.94 -12.67 11.07
C CYS B 106 15.41 -11.37 10.41
N PHE B 107 15.98 -10.47 11.21
CA PHE B 107 16.57 -9.25 10.68
C PHE B 107 17.74 -9.60 9.76
N GLU B 108 18.63 -10.47 10.23
CA GLU B 108 19.78 -10.88 9.44
C GLU B 108 19.33 -11.55 8.14
N ALA B 109 18.17 -12.21 8.15
CA ALA B 109 17.66 -12.84 6.94
C ALA B 109 17.13 -11.79 5.97
N HIS B 110 16.34 -10.85 6.48
CA HIS B 110 15.91 -9.72 5.66
C HIS B 110 17.12 -9.05 5.02
N GLN B 111 18.24 -9.00 5.73
CA GLN B 111 19.46 -8.44 5.16
C GLN B 111 20.06 -9.38 4.11
N TRP B 112 20.21 -10.66 4.45
CA TRP B 112 20.70 -11.64 3.49
C TRP B 112 20.03 -11.48 2.14
N PHE B 113 18.71 -11.34 2.13
CA PHE B 113 17.97 -11.15 0.89
C PHE B 113 18.01 -9.71 0.41
N LEU B 114 18.87 -8.86 0.99
CA LEU B 114 18.92 -7.44 0.66
C LEU B 114 17.51 -6.87 0.56
N LYS B 115 16.67 -7.25 1.51
CA LYS B 115 15.24 -6.96 1.50
C LYS B 115 14.81 -6.42 2.85
N HIS B 116 15.57 -5.42 3.33
CA HIS B 116 15.36 -4.89 4.67
C HIS B 116 13.90 -4.51 4.90
N GLU B 117 13.32 -3.75 3.98
CA GLU B 117 12.07 -3.03 4.24
C GLU B 117 12.25 -2.13 5.47
N ALA B 118 13.40 -1.48 5.52
CA ALA B 118 13.76 -0.67 6.67
C ALA B 118 12.80 0.50 6.84
N ARG B 119 12.27 0.65 8.06
CA ARG B 119 11.50 1.82 8.44
C ARG B 119 12.44 2.78 9.16
N PRO B 120 13.01 3.77 8.49
CA PRO B 120 13.99 4.64 9.16
C PRO B 120 13.36 5.42 10.31
N LEU B 121 14.22 5.91 11.19
CA LEU B 121 13.77 6.68 12.34
C LEU B 121 12.85 7.82 11.89
N ALA B 122 13.20 8.48 10.78
CA ALA B 122 12.30 9.49 10.22
C ALA B 122 10.93 8.91 9.93
N GLU B 123 10.88 7.66 9.48
CA GLU B 123 9.60 6.99 9.25
C GLU B 123 8.97 6.54 10.56
N LEU B 124 9.78 6.14 11.54
CA LEU B 124 9.23 5.76 12.84
C LEU B 124 8.50 6.92 13.49
N ARG B 125 9.03 8.14 13.33
CA ARG B 125 8.40 9.31 13.92
C ARG B 125 7.16 9.77 13.17
N ASN B 126 6.84 9.15 12.04
CA ASN B 126 5.63 9.43 11.28
C ASN B 126 5.56 10.86 10.77
N GLN B 127 6.66 11.36 10.19
CA GLN B 127 6.69 12.73 9.69
C GLN B 127 6.73 12.83 8.17
N SER B 128 6.82 11.70 7.46
CA SER B 128 6.97 11.75 6.01
C SER B 128 6.30 10.54 5.38
N VAL B 129 6.02 10.66 4.09
CA VAL B 129 5.50 9.56 3.28
C VAL B 129 6.34 9.29 2.05
N ARG B 130 7.34 10.13 1.75
CA ARG B 130 8.21 9.88 0.61
C ARG B 130 9.01 8.60 0.79
N GLU B 131 9.64 8.45 1.96
CA GLU B 131 10.36 7.21 2.24
C GLU B 131 9.41 6.03 2.26
N PHE B 132 8.17 6.25 2.71
CA PHE B 132 7.19 5.17 2.64
C PHE B 132 6.95 4.74 1.21
N LEU B 133 6.78 5.70 0.31
CA LEU B 133 6.54 5.38 -1.09
C LEU B 133 7.74 4.67 -1.69
N ASP B 134 8.94 5.09 -1.31
CA ASP B 134 10.15 4.41 -1.75
C ASP B 134 10.13 2.94 -1.32
N GLY B 135 9.91 2.69 -0.04
CA GLY B 135 9.85 1.32 0.44
C GLY B 135 8.74 0.53 -0.21
N THR B 136 7.62 1.20 -0.50
CA THR B 136 6.49 0.53 -1.12
C THR B 136 6.85 0.06 -2.52
N ARG B 137 7.35 0.97 -3.36
CA ARG B 137 7.78 0.56 -4.69
C ARG B 137 8.90 -0.47 -4.61
N LYS B 138 9.66 -0.47 -3.51
CA LYS B 138 10.67 -1.51 -3.31
C LYS B 138 10.07 -2.81 -2.79
N THR B 139 8.80 -2.81 -2.39
CA THR B 139 8.14 -4.05 -1.98
C THR B 139 8.30 -5.14 -3.03
N ASN B 140 8.44 -4.76 -4.30
CA ASN B 140 8.71 -5.70 -5.38
C ASN B 140 10.18 -5.57 -5.74
N ASN B 141 11.02 -6.41 -5.14
CA ASN B 141 12.45 -6.36 -5.34
C ASN B 141 12.84 -7.04 -6.65
N ILE B 142 14.10 -6.85 -7.04
CA ILE B 142 14.68 -7.47 -8.22
C ILE B 142 15.86 -8.36 -7.87
N PHE B 143 16.04 -8.66 -6.58
CA PHE B 143 17.14 -9.50 -6.11
C PHE B 143 16.59 -10.65 -5.29
N CYS B 144 17.39 -11.68 -5.12
CA CYS B 144 17.01 -12.85 -4.32
C CYS B 144 18.25 -13.63 -3.96
N SER B 145 18.28 -14.13 -2.72
CA SER B 145 19.42 -14.90 -2.23
C SER B 145 20.71 -14.10 -2.32
N SER B 156 8.74 -11.38 -3.30
CA SER B 156 9.55 -10.19 -3.12
C SER B 156 9.83 -9.94 -1.64
N ILE B 157 8.85 -10.24 -0.79
CA ILE B 157 8.98 -10.07 0.66
C ILE B 157 9.02 -11.45 1.30
N TYR B 158 9.80 -11.56 2.38
CA TYR B 158 10.17 -12.86 2.91
C TYR B 158 8.96 -13.63 3.42
N CYS B 159 9.06 -14.96 3.36
CA CYS B 159 8.09 -15.87 3.94
C CYS B 159 8.84 -17.08 4.46
N ARG B 160 8.63 -17.42 5.74
CA ARG B 160 9.48 -18.42 6.38
C ARG B 160 9.23 -19.83 5.85
N GLY B 161 7.98 -20.16 5.50
CA GLY B 161 7.67 -21.48 5.00
C GLY B 161 8.62 -21.91 3.90
N CYS B 162 8.63 -21.17 2.80
CA CYS B 162 9.63 -21.40 1.77
C CYS B 162 10.94 -20.69 2.08
N SER B 163 10.89 -19.70 2.98
CA SER B 163 12.09 -18.98 3.42
C SER B 163 12.70 -18.14 2.28
N LYS B 164 11.84 -17.62 1.42
CA LYS B 164 12.27 -16.82 0.27
C LYS B 164 11.31 -15.67 0.06
N PRO B 165 11.75 -14.62 -0.64
CA PRO B 165 10.85 -13.50 -0.91
C PRO B 165 9.67 -13.92 -1.77
N LEU B 166 8.47 -13.53 -1.33
CA LEU B 166 7.24 -13.79 -2.06
C LEU B 166 6.35 -12.57 -1.96
N CYS B 167 5.99 -11.98 -3.10
CA CYS B 167 5.14 -10.80 -3.10
C CYS B 167 3.89 -11.03 -2.27
N CYS B 168 3.25 -12.19 -2.44
CA CYS B 168 2.08 -12.55 -1.63
C CYS B 168 2.06 -14.08 -1.55
N SER B 169 2.58 -14.62 -0.45
CA SER B 169 2.51 -16.06 -0.22
C SER B 169 1.08 -16.55 -0.04
N CYS B 170 0.11 -15.65 -0.02
CA CYS B 170 -1.29 -16.06 0.01
C CYS B 170 -1.63 -16.90 -1.22
N ALA B 171 -1.06 -16.53 -2.36
CA ALA B 171 -1.21 -17.36 -3.55
C ALA B 171 -0.54 -18.73 -3.37
N LEU B 172 0.39 -18.85 -2.43
CA LEU B 172 1.05 -20.13 -2.25
C LEU B 172 0.27 -21.02 -1.29
N LEU B 173 -0.33 -20.42 -0.26
CA LEU B 173 -0.98 -21.20 0.78
C LEU B 173 0.02 -22.16 1.41
N ASP B 174 1.11 -21.57 1.92
CA ASP B 174 2.24 -22.36 2.38
C ASP B 174 1.82 -23.33 3.49
N SER B 175 1.34 -22.80 4.60
CA SER B 175 0.92 -23.62 5.74
C SER B 175 2.06 -24.55 6.17
N SER B 176 3.26 -23.98 6.26
CA SER B 176 4.45 -24.75 6.62
C SER B 176 4.27 -25.42 7.97
#